data_9MC8
#
_entry.id   9MC8
#
_cell.length_a   1.00
_cell.length_b   1.00
_cell.length_c   1.00
_cell.angle_alpha   90.00
_cell.angle_beta   90.00
_cell.angle_gamma   90.00
#
_symmetry.space_group_name_H-M   'P 1'
#
loop_
_entity.id
_entity.type
_entity.pdbx_description
1 polymer 'Isoform 2 of Solute carrier family 22 member 6'
2 non-polymer N-(4-aminobenzoyl)glycine
#
_entity_poly.entity_id   1
_entity_poly.type   'polypeptide(L)'
_entity_poly.pdbx_seq_one_letter_code
;MAFNDLLQQVGGVGRFQQIQVTLVVLPLLLMASHNTLQNFTAAIPTHHCRPPADANLSKNGGLEVWLPRDRQGQPESCLR
FTSPQWGLPFLNGTEANGTGATEPCTDGWIYDNSTFPSTIVTEWDLVCSHRALRQLAQSLYMVGVLLGAMVFGYLADRLG
RRKVLILNYLQTAVSGTCAAFAPNFPIYCAFRLLSGMALAGISLNCMTLNVEWMPIHTRACVGTLIGYVYSLGQFLLAGV
AYAVPHWRHLQLLVSAPFFAFFIYSWFFIESARWHSSSGRLDLTLRALQRVARINGKREEGAKLSMEVLRASLQKELTMG
KGQASAMELLRCPTLRHLFLCLSMLWFATSFAYYGLVMDLQGFGVSIYLIQVIFGAVDLPAKLVGFLVINSLGRRPAQMA
ALLLAGICILLNGVIPQDQSIVRTSLAVLGKGCLAASFNCIFLYTGELYPTMIRQTGMGMGSTMARVGSIVSPLVSMTAE
LYPSMPLFIYGAVPVAASAVTVLLPETLGQPLPDTVQDLESRKGKQTRQQQEHQKYMVPLQASAQEKNGLHHHHHHHHHH
GSVEDYKDDDDK
;
_entity_poly.pdbx_strand_id   A
#
# COMPACT_ATOMS: atom_id res chain seq x y z
N PHE A 3 -18.67 -12.37 -22.75
CA PHE A 3 -17.25 -12.66 -22.87
C PHE A 3 -16.84 -13.76 -21.92
N ASN A 4 -17.20 -13.61 -20.65
CA ASN A 4 -16.89 -14.65 -19.69
C ASN A 4 -17.20 -15.96 -20.35
N ASP A 5 -18.23 -15.98 -21.19
CA ASP A 5 -18.54 -17.20 -21.92
C ASP A 5 -17.30 -17.72 -22.62
N LEU A 6 -16.76 -16.92 -23.53
CA LEU A 6 -15.59 -17.36 -24.30
C LEU A 6 -14.40 -17.75 -23.44
N LEU A 7 -14.01 -16.88 -22.51
CA LEU A 7 -12.83 -17.17 -21.70
C LEU A 7 -13.04 -18.51 -21.05
N GLN A 8 -14.22 -18.73 -20.50
CA GLN A 8 -14.52 -20.02 -19.92
C GLN A 8 -14.41 -21.06 -21.01
N GLN A 9 -15.03 -20.79 -22.15
CA GLN A 9 -14.93 -21.71 -23.27
C GLN A 9 -13.48 -22.08 -23.49
N VAL A 10 -12.58 -21.14 -23.22
CA VAL A 10 -11.16 -21.42 -23.40
C VAL A 10 -10.52 -21.87 -22.10
N GLY A 11 -10.85 -23.08 -21.65
CA GLY A 11 -10.23 -23.60 -20.44
C GLY A 11 -10.71 -23.03 -19.13
N GLY A 12 -11.43 -21.90 -19.14
CA GLY A 12 -11.75 -21.22 -17.91
C GLY A 12 -10.49 -20.82 -17.16
N VAL A 13 -10.24 -21.47 -16.02
CA VAL A 13 -8.96 -21.37 -15.34
C VAL A 13 -8.14 -22.60 -15.70
N GLY A 14 -6.85 -22.42 -15.91
CA GLY A 14 -6.02 -23.53 -16.29
C GLY A 14 -4.55 -23.15 -16.40
N ARG A 15 -3.85 -23.76 -17.34
CA ARG A 15 -2.43 -23.52 -17.45
C ARG A 15 -2.14 -22.04 -17.63
N PHE A 16 -2.59 -21.46 -18.74
CA PHE A 16 -2.26 -20.06 -18.97
C PHE A 16 -2.71 -19.21 -17.81
N GLN A 17 -3.68 -19.70 -17.06
CA GLN A 17 -4.21 -18.86 -15.98
C GLN A 17 -3.41 -19.05 -14.70
N GLN A 18 -3.12 -20.29 -14.33
CA GLN A 18 -2.33 -20.52 -13.11
C GLN A 18 -0.95 -19.89 -13.23
N ILE A 19 -0.28 -20.10 -14.36
CA ILE A 19 1.07 -19.57 -14.54
C ILE A 19 1.07 -18.05 -14.47
N GLN A 20 0.17 -17.41 -15.23
CA GLN A 20 0.15 -15.95 -15.26
C GLN A 20 -0.26 -15.37 -13.91
N VAL A 21 -1.25 -15.97 -13.26
CA VAL A 21 -1.66 -15.48 -11.94
C VAL A 21 -0.50 -15.55 -10.96
N THR A 22 0.17 -16.71 -10.88
CA THR A 22 1.27 -16.84 -9.94
C THR A 22 2.38 -15.84 -10.26
N LEU A 23 2.72 -15.71 -11.53
CA LEU A 23 3.82 -14.82 -11.91
C LEU A 23 3.46 -13.34 -11.91
N VAL A 24 2.18 -13.00 -11.83
CA VAL A 24 1.80 -11.59 -11.74
C VAL A 24 1.60 -11.20 -10.29
N VAL A 25 1.29 -12.17 -9.43
CA VAL A 25 1.19 -11.89 -8.00
C VAL A 25 2.53 -12.00 -7.28
N LEU A 26 3.49 -12.74 -7.84
CA LEU A 26 4.81 -12.82 -7.21
C LEU A 26 5.47 -11.47 -6.96
N PRO A 27 5.46 -10.51 -7.89
CA PRO A 27 6.09 -9.21 -7.59
C PRO A 27 5.49 -8.50 -6.38
N LEU A 28 4.22 -8.72 -6.07
CA LEU A 28 3.61 -8.03 -4.94
C LEU A 28 4.21 -8.45 -3.60
N LEU A 29 4.99 -9.53 -3.57
CA LEU A 29 5.64 -9.93 -2.32
C LEU A 29 6.60 -8.85 -1.84
N LEU A 30 7.19 -8.10 -2.77
CA LEU A 30 8.12 -7.02 -2.42
C LEU A 30 7.44 -5.66 -2.31
N MET A 31 6.16 -5.60 -2.60
CA MET A 31 5.46 -4.33 -2.51
C MET A 31 5.51 -3.83 -1.07
N ALA A 32 5.05 -4.65 -0.13
CA ALA A 32 5.04 -4.22 1.26
C ALA A 32 6.46 -3.89 1.74
N SER A 33 7.46 -4.61 1.24
CA SER A 33 8.84 -4.28 1.59
C SER A 33 9.21 -2.89 1.11
N HIS A 34 8.75 -2.50 -0.07
CA HIS A 34 9.04 -1.14 -0.54
C HIS A 34 8.25 -0.07 0.20
N ASN A 35 6.96 -0.32 0.48
CA ASN A 35 6.17 0.72 1.15
C ASN A 35 6.71 1.03 2.54
N THR A 36 7.11 0.01 3.29
CA THR A 36 7.56 0.17 4.66
C THR A 36 9.07 0.01 4.80
N LEU A 37 9.83 0.31 3.74
CA LEU A 37 11.27 0.13 3.77
C LEU A 37 11.94 1.06 4.76
N GLN A 38 11.47 2.31 4.86
CA GLN A 38 12.14 3.31 5.70
C GLN A 38 12.13 2.96 7.17
N ASN A 39 11.51 1.86 7.59
CA ASN A 39 11.63 1.43 8.97
C ASN A 39 12.99 0.80 9.25
N PHE A 40 13.61 0.22 8.22
CA PHE A 40 14.88 -0.47 8.37
C PHE A 40 16.02 0.22 7.63
N THR A 41 15.73 0.92 6.53
CA THR A 41 16.75 1.65 5.82
C THR A 41 16.88 3.09 6.31
N ALA A 42 15.99 3.55 7.17
CA ALA A 42 16.01 4.92 7.67
C ALA A 42 15.83 4.99 9.19
N ALA A 43 16.19 3.93 9.90
CA ALA A 43 16.04 3.92 11.35
C ALA A 43 17.02 4.90 12.00
N ILE A 44 16.66 5.35 13.20
CA ILE A 44 17.47 6.31 13.93
C ILE A 44 18.19 5.62 15.08
N PRO A 45 19.48 5.30 14.94
CA PRO A 45 20.24 4.80 16.09
C PRO A 45 20.47 5.91 17.10
N THR A 46 20.64 5.49 18.35
CA THR A 46 20.92 6.46 19.41
C THR A 46 22.23 7.18 19.13
N HIS A 47 22.14 8.49 18.98
CA HIS A 47 23.26 9.31 18.56
C HIS A 47 23.64 10.28 19.67
N HIS A 48 24.93 10.60 19.75
CA HIS A 48 25.39 11.61 20.68
C HIS A 48 26.34 12.56 19.95
N CYS A 49 26.48 13.76 20.50
CA CYS A 49 27.29 14.77 19.83
C CYS A 49 28.77 14.41 19.90
N ARG A 50 29.44 14.58 18.77
CA ARG A 50 30.88 14.30 18.69
C ARG A 50 31.64 15.40 19.41
N PRO A 51 32.47 15.07 20.40
CA PRO A 51 33.17 16.11 21.14
C PRO A 51 34.27 16.72 20.29
N PRO A 52 34.65 17.97 20.57
CA PRO A 52 35.76 18.60 19.87
C PRO A 52 36.94 17.67 19.67
N ALA A 53 37.46 17.66 18.44
CA ALA A 53 38.60 16.82 18.11
C ALA A 53 39.86 17.30 18.85
N LEU A 63 33.07 10.96 27.24
CA LEU A 63 31.83 11.68 27.00
C LEU A 63 31.26 12.28 28.29
N GLU A 64 31.64 11.73 29.44
CA GLU A 64 31.12 12.21 30.72
C GLU A 64 31.36 13.70 30.89
N VAL A 65 32.44 14.23 30.32
CA VAL A 65 32.67 15.66 30.45
C VAL A 65 31.99 16.43 29.31
N TRP A 66 31.91 15.81 28.12
CA TRP A 66 31.60 16.54 26.91
C TRP A 66 30.14 16.39 26.47
N LEU A 67 29.30 15.77 27.29
CA LEU A 67 27.91 15.50 26.90
C LEU A 67 26.99 15.81 28.08
N PRO A 68 26.10 16.80 27.96
CA PRO A 68 25.10 17.01 29.00
C PRO A 68 24.17 15.81 29.12
N ARG A 69 23.70 15.55 30.34
CA ARG A 69 22.85 14.41 30.63
C ARG A 69 21.41 14.87 30.80
N ASP A 70 20.47 14.10 30.25
CA ASP A 70 19.07 14.43 30.40
C ASP A 70 18.49 13.71 31.61
N ARG A 71 17.19 13.91 31.84
CA ARG A 71 16.54 13.28 32.98
C ARG A 71 16.87 11.80 33.09
N GLN A 72 16.79 11.08 31.97
CA GLN A 72 17.02 9.65 32.03
C GLN A 72 18.44 9.29 32.44
N GLY A 73 19.33 10.28 32.42
CA GLY A 73 20.73 10.02 32.72
C GLY A 73 21.52 9.92 31.43
N GLN A 74 20.84 9.61 30.33
CA GLN A 74 21.52 9.45 29.04
C GLN A 74 22.08 10.76 28.52
N PRO A 75 23.09 10.67 27.65
CA PRO A 75 23.65 11.90 27.06
C PRO A 75 22.68 12.51 26.08
N GLU A 76 22.38 13.80 26.27
CA GLU A 76 21.46 14.49 25.37
C GLU A 76 21.97 14.36 23.94
N SER A 77 21.08 14.24 22.97
CA SER A 77 21.52 13.98 21.60
C SER A 77 21.95 15.25 20.87
N CYS A 78 21.28 16.37 21.05
CA CYS A 78 21.65 17.54 20.22
C CYS A 78 22.18 18.75 20.96
N LEU A 79 23.18 18.55 21.81
CA LEU A 79 23.79 19.68 22.51
C LEU A 79 25.17 19.33 23.02
N ARG A 80 26.17 20.15 22.69
CA ARG A 80 27.50 19.91 23.20
C ARG A 80 27.94 21.12 24.00
N PHE A 81 28.55 20.88 25.16
CA PHE A 81 28.99 21.96 26.01
C PHE A 81 29.89 22.90 25.25
N THR A 82 29.68 24.20 25.39
CA THR A 82 30.57 25.15 24.77
C THR A 82 31.95 24.89 25.33
N SER A 83 32.02 24.60 26.62
CA SER A 83 33.30 24.29 27.26
C SER A 83 33.14 23.06 28.13
N PRO A 84 34.19 22.24 28.21
CA PRO A 84 34.12 21.00 29.00
C PRO A 84 33.82 21.28 30.48
N THR A 102 26.21 25.85 26.26
CA THR A 102 26.12 24.80 25.25
C THR A 102 26.15 25.38 23.85
N GLU A 103 26.23 24.51 22.84
CA GLU A 103 26.32 24.98 21.47
C GLU A 103 25.76 23.95 20.50
N PRO A 104 25.31 24.40 19.32
CA PRO A 104 24.83 23.44 18.33
C PRO A 104 25.98 22.55 17.90
N CYS A 105 25.72 21.24 17.82
CA CYS A 105 26.79 20.31 17.48
C CYS A 105 27.10 20.38 16.01
N THR A 106 28.27 20.91 15.68
CA THR A 106 28.62 21.09 14.27
C THR A 106 29.75 20.18 13.81
N ASP A 107 30.24 19.36 14.73
CA ASP A 107 31.33 18.45 14.39
C ASP A 107 30.80 17.09 13.99
N GLY A 108 29.51 17.01 13.72
CA GLY A 108 28.91 15.75 13.35
C GLY A 108 28.51 14.95 14.58
N TRP A 109 27.90 13.80 14.37
CA TRP A 109 27.45 13.00 15.50
C TRP A 109 27.96 11.57 15.38
N ILE A 110 28.34 10.98 16.51
CA ILE A 110 28.82 9.61 16.52
C ILE A 110 27.66 8.66 16.63
N TYR A 111 26.98 8.40 15.52
CA TYR A 111 25.84 7.50 15.54
C TYR A 111 26.26 6.15 16.08
N ASP A 112 25.42 5.55 16.91
CA ASP A 112 25.72 4.24 17.48
C ASP A 112 25.79 3.19 16.38
N ASN A 113 26.68 2.22 16.51
CA ASN A 113 26.81 1.17 15.52
C ASN A 113 26.28 -0.14 16.03
N SER A 114 25.74 -0.13 17.24
CA SER A 114 25.19 -1.35 17.82
C SER A 114 24.31 -2.03 16.80
N THR A 115 23.25 -1.35 16.40
CA THR A 115 22.35 -1.90 15.41
C THR A 115 22.22 -0.89 14.29
N PHE A 116 21.73 -1.32 13.14
CA PHE A 116 21.62 -0.42 12.01
C PHE A 116 22.98 0.16 11.71
N PRO A 117 23.85 -0.64 11.08
CA PRO A 117 25.20 -0.17 10.75
C PRO A 117 25.12 1.15 10.02
N SER A 118 24.19 1.26 9.08
CA SER A 118 24.05 2.49 8.31
C SER A 118 22.65 2.70 7.80
N THR A 119 22.06 3.84 8.09
CA THR A 119 20.74 4.15 7.58
C THR A 119 20.83 5.55 7.02
N ILE A 120 19.94 5.91 6.10
CA ILE A 120 20.05 7.21 5.49
C ILE A 120 20.31 8.24 6.58
N VAL A 121 19.65 8.09 7.71
CA VAL A 121 19.85 9.01 8.82
C VAL A 121 21.33 9.12 9.11
N THR A 122 22.00 8.00 9.29
CA THR A 122 23.42 8.01 9.62
C THR A 122 24.26 8.48 8.45
N GLU A 123 23.96 8.00 7.25
CA GLU A 123 24.77 8.35 6.10
C GLU A 123 24.75 9.83 5.77
N TRP A 124 23.58 10.45 5.77
CA TRP A 124 23.49 11.85 5.39
C TRP A 124 23.14 12.76 6.56
N ASP A 125 23.43 12.31 7.77
CA ASP A 125 23.21 13.14 8.95
C ASP A 125 21.83 13.79 9.00
N LEU A 126 20.80 13.02 8.70
CA LEU A 126 19.44 13.52 8.76
C LEU A 126 18.95 13.45 10.19
N VAL A 127 19.59 14.17 11.11
CA VAL A 127 19.15 14.17 12.49
C VAL A 127 19.09 15.55 13.10
N CYS A 128 18.88 15.61 14.40
CA CYS A 128 18.80 16.88 15.09
C CYS A 128 17.92 17.85 14.34
N SER A 129 18.48 18.96 13.90
CA SER A 129 17.69 19.99 13.23
C SER A 129 16.91 19.48 12.02
N HIS A 130 17.52 18.62 11.22
CA HIS A 130 16.86 18.16 10.00
C HIS A 130 16.10 16.85 10.18
N ARG A 131 15.98 16.38 11.40
CA ARG A 131 15.34 15.09 11.64
C ARG A 131 14.06 14.94 10.83
N ALA A 132 13.32 16.04 10.62
CA ALA A 132 12.09 16.00 9.86
C ALA A 132 12.29 15.43 8.46
N LEU A 133 13.47 15.64 7.87
CA LEU A 133 13.73 15.12 6.54
C LEU A 133 13.51 13.60 6.48
N ARG A 134 13.80 12.89 7.57
CA ARG A 134 13.59 11.45 7.57
C ARG A 134 12.17 11.09 7.18
N GLN A 135 11.19 11.84 7.69
CA GLN A 135 9.82 11.63 7.27
C GLN A 135 9.56 12.18 5.87
N LEU A 136 10.13 13.35 5.56
CA LEU A 136 9.85 13.98 4.28
C LEU A 136 10.08 13.03 3.13
N ALA A 137 11.21 12.32 3.14
CA ALA A 137 11.51 11.39 2.06
C ALA A 137 10.36 10.41 1.84
N GLN A 138 9.89 9.76 2.90
CA GLN A 138 8.77 8.82 2.73
C GLN A 138 7.57 9.52 2.13
N SER A 139 7.24 10.71 2.62
CA SER A 139 6.14 11.46 2.02
C SER A 139 6.35 11.57 0.51
N LEU A 140 7.52 12.04 0.11
CA LEU A 140 7.82 12.16 -1.31
C LEU A 140 7.64 10.82 -2.01
N TYR A 141 8.10 9.74 -1.37
CA TYR A 141 7.92 8.42 -1.96
C TYR A 141 6.47 8.15 -2.29
N MET A 142 5.58 8.30 -1.31
CA MET A 142 4.19 7.97 -1.61
C MET A 142 3.57 9.00 -2.52
N VAL A 143 4.13 10.21 -2.57
CA VAL A 143 3.70 11.16 -3.58
C VAL A 143 3.83 10.53 -4.96
N GLY A 144 4.99 9.94 -5.23
CA GLY A 144 5.15 9.21 -6.48
C GLY A 144 4.09 8.15 -6.64
N VAL A 145 3.79 7.41 -5.56
CA VAL A 145 2.76 6.40 -5.61
C VAL A 145 1.46 7.02 -6.10
N LEU A 146 1.07 8.15 -5.50
CA LEU A 146 -0.14 8.82 -5.95
C LEU A 146 -0.04 9.17 -7.42
N LEU A 147 1.08 9.76 -7.83
CA LEU A 147 1.28 10.06 -9.24
C LEU A 147 1.29 8.77 -10.06
N GLY A 148 1.94 7.73 -9.53
CA GLY A 148 1.96 6.46 -10.24
C GLY A 148 0.57 5.85 -10.32
N ALA A 149 -0.32 6.25 -9.41
CA ALA A 149 -1.69 5.78 -9.50
C ALA A 149 -2.42 6.43 -10.67
N MET A 150 -2.09 7.68 -10.97
CA MET A 150 -2.84 8.39 -12.00
C MET A 150 -2.21 8.22 -13.37
N VAL A 151 -0.98 8.70 -13.55
CA VAL A 151 -0.38 8.76 -14.89
C VAL A 151 -0.27 7.36 -15.47
N PHE A 152 0.35 6.44 -14.73
CA PHE A 152 0.52 5.10 -15.26
C PHE A 152 -0.80 4.34 -15.27
N GLY A 153 -1.83 4.87 -14.62
CA GLY A 153 -3.17 4.38 -14.87
C GLY A 153 -3.63 4.73 -16.27
N TYR A 154 -3.51 6.01 -16.65
CA TYR A 154 -3.96 6.45 -17.96
C TYR A 154 -3.17 5.76 -19.06
N LEU A 155 -1.85 5.66 -18.89
CA LEU A 155 -1.04 4.93 -19.85
C LEU A 155 -1.52 3.49 -19.99
N ALA A 156 -2.02 2.89 -18.92
CA ALA A 156 -2.52 1.51 -19.00
C ALA A 156 -3.67 1.41 -19.98
N ASP A 157 -4.43 2.50 -20.16
CA ASP A 157 -5.54 2.47 -21.10
C ASP A 157 -5.12 2.84 -22.51
N ARG A 158 -3.86 3.23 -22.72
CA ARG A 158 -3.41 3.71 -24.02
C ARG A 158 -2.38 2.81 -24.67
N LEU A 159 -1.59 2.08 -23.88
CA LEU A 159 -0.54 1.22 -24.43
C LEU A 159 -0.74 -0.26 -24.16
N GLY A 160 -1.73 -0.63 -23.34
CA GLY A 160 -1.95 -2.03 -23.00
C GLY A 160 -1.41 -2.37 -21.63
N ARG A 161 -2.06 -3.32 -20.96
CA ARG A 161 -1.65 -3.65 -19.59
C ARG A 161 -0.26 -4.26 -19.56
N ARG A 162 0.07 -5.12 -20.51
CA ARG A 162 1.35 -5.82 -20.49
C ARG A 162 2.52 -4.87 -20.70
N LYS A 163 2.40 -3.95 -21.65
CA LYS A 163 3.49 -3.00 -21.88
C LYS A 163 3.73 -2.11 -20.67
N VAL A 164 2.65 -1.63 -20.04
CA VAL A 164 2.81 -0.78 -18.87
C VAL A 164 3.39 -1.58 -17.71
N LEU A 165 3.00 -2.85 -17.60
CA LEU A 165 3.61 -3.70 -16.58
C LEU A 165 5.10 -3.87 -16.81
N ILE A 166 5.51 -4.07 -18.07
CA ILE A 166 6.92 -4.22 -18.39
C ILE A 166 7.68 -2.95 -18.04
N LEU A 167 7.13 -1.79 -18.41
CA LEU A 167 7.77 -0.53 -18.08
C LEU A 167 7.82 -0.30 -16.58
N ASN A 168 6.79 -0.72 -15.84
CA ASN A 168 6.82 -0.60 -14.39
C ASN A 168 7.92 -1.48 -13.79
N TYR A 169 8.07 -2.70 -14.29
CA TYR A 169 9.16 -3.55 -13.80
C TYR A 169 10.52 -2.91 -14.05
N LEU A 170 10.75 -2.43 -15.28
CA LEU A 170 12.03 -1.83 -15.61
C LEU A 170 12.28 -0.58 -14.77
N GLN A 171 11.27 0.28 -14.63
CA GLN A 171 11.43 1.52 -13.88
C GLN A 171 11.68 1.23 -12.40
N THR A 172 10.94 0.27 -11.82
CA THR A 172 11.18 -0.09 -10.44
C THR A 172 12.61 -0.59 -10.25
N ALA A 173 13.06 -1.49 -11.13
CA ALA A 173 14.40 -2.03 -10.99
C ALA A 173 15.45 -0.93 -11.08
N VAL A 174 15.38 -0.12 -12.14
CA VAL A 174 16.40 0.90 -12.35
C VAL A 174 16.38 1.94 -11.25
N SER A 175 15.19 2.42 -10.88
CA SER A 175 15.07 3.45 -9.87
C SER A 175 15.53 2.96 -8.50
N GLY A 176 15.17 1.72 -8.14
CA GLY A 176 15.61 1.17 -6.88
C GLY A 176 17.11 0.98 -6.83
N THR A 177 17.69 0.46 -7.91
CA THR A 177 19.13 0.28 -7.96
C THR A 177 19.85 1.62 -7.85
N CYS A 178 19.35 2.64 -8.55
CA CYS A 178 19.98 3.95 -8.47
C CYS A 178 19.81 4.58 -7.09
N ALA A 179 18.64 4.42 -6.46
CA ALA A 179 18.45 4.95 -5.11
C ALA A 179 19.37 4.25 -4.13
N ALA A 180 19.69 2.98 -4.38
CA ALA A 180 20.69 2.30 -3.55
C ALA A 180 22.07 2.91 -3.73
N PHE A 181 22.29 3.64 -4.83
CA PHE A 181 23.59 4.21 -5.15
C PHE A 181 23.56 5.75 -5.14
N ALA A 182 22.58 6.33 -4.45
CA ALA A 182 22.46 7.79 -4.46
C ALA A 182 23.64 8.43 -3.74
N PRO A 183 24.19 9.51 -4.28
CA PRO A 183 25.33 10.17 -3.64
C PRO A 183 24.92 11.23 -2.62
N ASN A 184 23.69 11.71 -2.71
CA ASN A 184 23.19 12.71 -1.77
C ASN A 184 21.68 12.56 -1.64
N PHE A 185 21.14 13.18 -0.59
CA PHE A 185 19.76 13.01 -0.19
C PHE A 185 18.75 13.40 -1.27
N PRO A 186 18.89 14.53 -1.98
CA PRO A 186 17.90 14.87 -3.00
C PRO A 186 17.76 13.81 -4.10
N ILE A 187 18.87 13.24 -4.55
CA ILE A 187 18.80 12.21 -5.59
C ILE A 187 18.11 10.97 -5.05
N TYR A 188 18.40 10.59 -3.81
CA TYR A 188 17.72 9.45 -3.20
C TYR A 188 16.22 9.70 -3.11
N CYS A 189 15.82 10.92 -2.72
CA CYS A 189 14.39 11.22 -2.63
C CYS A 189 13.73 11.16 -4.00
N ALA A 190 14.35 11.73 -5.03
CA ALA A 190 13.75 11.70 -6.36
C ALA A 190 13.63 10.26 -6.87
N PHE A 191 14.66 9.45 -6.67
CA PHE A 191 14.62 8.08 -7.15
C PHE A 191 13.64 7.23 -6.35
N ARG A 192 13.48 7.51 -5.06
CA ARG A 192 12.43 6.83 -4.30
C ARG A 192 11.03 7.26 -4.74
N LEU A 193 10.86 8.52 -5.14
CA LEU A 193 9.58 8.95 -5.69
C LEU A 193 9.27 8.20 -6.99
N LEU A 194 10.29 8.04 -7.85
CA LEU A 194 10.11 7.24 -9.04
C LEU A 194 9.79 5.79 -8.70
N SER A 195 10.45 5.23 -7.68
CA SER A 195 10.14 3.88 -7.24
C SER A 195 8.69 3.77 -6.80
N GLY A 196 8.20 4.76 -6.06
CA GLY A 196 6.81 4.75 -5.65
C GLY A 196 5.85 4.81 -6.83
N MET A 197 6.14 5.67 -7.81
CA MET A 197 5.29 5.74 -9.00
C MET A 197 5.23 4.39 -9.70
N ALA A 198 6.40 3.78 -9.94
CA ALA A 198 6.43 2.52 -10.66
C ALA A 198 5.74 1.41 -9.87
N LEU A 199 5.90 1.41 -8.54
CA LEU A 199 5.28 0.37 -7.73
C LEU A 199 3.77 0.53 -7.66
N ALA A 200 3.27 1.78 -7.61
CA ALA A 200 1.83 1.98 -7.67
C ALA A 200 1.28 1.50 -9.01
N GLY A 201 2.00 1.77 -10.10
CA GLY A 201 1.62 1.20 -11.38
C GLY A 201 1.59 -0.30 -11.36
N ILE A 202 2.58 -0.92 -10.71
CA ILE A 202 2.61 -2.38 -10.59
C ILE A 202 1.38 -2.87 -9.84
N SER A 203 1.07 -2.24 -8.71
CA SER A 203 -0.04 -2.68 -7.88
C SER A 203 -1.37 -2.58 -8.63
N LEU A 204 -1.56 -1.49 -9.36
CA LEU A 204 -2.81 -1.34 -10.11
C LEU A 204 -2.89 -2.34 -11.25
N ASN A 205 -1.82 -2.45 -12.05
CA ASN A 205 -1.87 -3.25 -13.26
C ASN A 205 -1.88 -4.75 -12.98
N CYS A 206 -1.21 -5.21 -11.93
CA CYS A 206 -1.31 -6.62 -11.55
C CYS A 206 -2.76 -7.00 -11.26
N MET A 207 -3.43 -6.23 -10.42
CA MET A 207 -4.83 -6.53 -10.12
C MET A 207 -5.69 -6.46 -11.37
N THR A 208 -5.52 -5.43 -12.18
CA THR A 208 -6.37 -5.29 -13.36
C THR A 208 -6.18 -6.45 -14.34
N LEU A 209 -4.92 -6.75 -14.68
CA LEU A 209 -4.65 -7.82 -15.63
C LEU A 209 -5.02 -9.18 -15.06
N ASN A 210 -4.98 -9.33 -13.74
CA ASN A 210 -5.36 -10.60 -13.15
C ASN A 210 -6.87 -10.78 -13.17
N VAL A 211 -7.62 -9.73 -12.86
CA VAL A 211 -9.07 -9.82 -12.86
C VAL A 211 -9.58 -10.01 -14.29
N GLU A 212 -9.02 -9.28 -15.25
CA GLU A 212 -9.55 -9.30 -16.61
C GLU A 212 -9.34 -10.63 -17.31
N TRP A 213 -8.42 -11.47 -16.83
CA TRP A 213 -8.15 -12.76 -17.44
C TRP A 213 -8.83 -13.93 -16.73
N MET A 214 -9.41 -13.71 -15.55
CA MET A 214 -10.05 -14.77 -14.79
C MET A 214 -11.56 -14.66 -14.91
N PRO A 215 -12.28 -15.79 -14.81
CA PRO A 215 -13.75 -15.72 -14.80
C PRO A 215 -14.26 -14.96 -13.58
N ILE A 216 -15.48 -14.45 -13.70
CA ILE A 216 -16.03 -13.61 -12.64
C ILE A 216 -16.23 -14.40 -11.34
N HIS A 217 -16.61 -15.69 -11.43
CA HIS A 217 -16.88 -16.48 -10.24
C HIS A 217 -15.65 -16.68 -9.36
N THR A 218 -14.46 -16.41 -9.88
CA THR A 218 -13.24 -16.45 -9.09
C THR A 218 -12.53 -15.11 -9.04
N ARG A 219 -13.19 -14.03 -9.47
CA ARG A 219 -12.54 -12.72 -9.44
C ARG A 219 -12.32 -12.24 -8.01
N ALA A 220 -13.36 -12.27 -7.18
CA ALA A 220 -13.25 -11.73 -5.83
C ALA A 220 -12.17 -12.45 -5.04
N CYS A 221 -12.16 -13.78 -5.12
CA CYS A 221 -11.12 -14.56 -4.44
C CYS A 221 -9.74 -14.08 -4.82
N VAL A 222 -9.53 -13.73 -6.10
CA VAL A 222 -8.23 -13.23 -6.52
C VAL A 222 -7.82 -12.03 -5.68
N GLY A 223 -8.74 -11.08 -5.50
CA GLY A 223 -8.44 -9.94 -4.66
C GLY A 223 -8.00 -10.35 -3.27
N THR A 224 -8.71 -11.30 -2.66
CA THR A 224 -8.30 -11.81 -1.36
C THR A 224 -6.87 -12.30 -1.41
N LEU A 225 -6.55 -13.14 -2.41
CA LEU A 225 -5.19 -13.63 -2.55
C LEU A 225 -4.21 -12.47 -2.63
N ILE A 226 -4.55 -11.44 -3.41
CA ILE A 226 -3.70 -10.26 -3.50
C ILE A 226 -3.36 -9.75 -2.11
N GLY A 227 -4.40 -9.50 -1.30
CA GLY A 227 -4.15 -9.00 0.04
C GLY A 227 -3.22 -9.91 0.82
N TYR A 228 -3.46 -11.22 0.75
CA TYR A 228 -2.61 -12.14 1.50
C TYR A 228 -1.17 -12.05 1.03
N VAL A 229 -0.95 -11.98 -0.29
CA VAL A 229 0.42 -11.91 -0.78
C VAL A 229 1.06 -10.59 -0.35
N TYR A 230 0.26 -9.54 -0.19
CA TYR A 230 0.79 -8.32 0.39
C TYR A 230 1.19 -8.57 1.84
N SER A 231 0.31 -9.21 2.61
CA SER A 231 0.57 -9.39 4.04
C SER A 231 1.84 -10.20 4.27
N LEU A 232 1.95 -11.36 3.60
CA LEU A 232 3.16 -12.15 3.71
C LEU A 232 4.40 -11.37 3.33
N GLY A 233 4.26 -10.37 2.44
CA GLY A 233 5.40 -9.56 2.08
C GLY A 233 6.06 -8.91 3.27
N GLN A 234 5.26 -8.51 4.27
CA GLN A 234 5.84 -7.93 5.48
C GLN A 234 6.83 -8.88 6.12
N PHE A 235 6.47 -10.16 6.22
CA PHE A 235 7.41 -11.14 6.76
C PHE A 235 8.73 -11.11 6.02
N LEU A 236 8.69 -10.99 4.69
CA LEU A 236 9.93 -10.94 3.92
C LEU A 236 10.80 -9.78 4.38
N LEU A 237 10.20 -8.60 4.56
CA LEU A 237 10.98 -7.45 5.02
C LEU A 237 11.54 -7.70 6.40
N ALA A 238 10.83 -8.47 7.24
CA ALA A 238 11.35 -8.82 8.54
C ALA A 238 12.60 -9.68 8.41
N GLY A 239 12.61 -10.57 7.42
CA GLY A 239 13.74 -11.47 7.29
C GLY A 239 14.94 -10.83 6.62
N VAL A 240 14.73 -10.26 5.43
CA VAL A 240 15.84 -9.73 4.65
C VAL A 240 16.58 -8.65 5.42
N ALA A 241 15.85 -7.71 6.02
CA ALA A 241 16.49 -6.64 6.77
C ALA A 241 17.31 -7.17 7.93
N TYR A 242 17.00 -8.37 8.43
CA TYR A 242 17.82 -8.96 9.47
C TYR A 242 19.15 -9.44 8.91
N ALA A 243 19.12 -10.07 7.74
CA ALA A 243 20.35 -10.59 7.16
C ALA A 243 21.20 -9.48 6.55
N VAL A 244 20.56 -8.41 6.10
CA VAL A 244 21.25 -7.33 5.41
C VAL A 244 20.94 -6.02 6.12
N PRO A 245 21.66 -5.69 7.19
CA PRO A 245 21.32 -4.47 7.94
C PRO A 245 21.72 -3.19 7.24
N HIS A 246 22.76 -3.21 6.42
CA HIS A 246 23.20 -2.01 5.72
C HIS A 246 22.11 -1.52 4.78
N TRP A 247 21.89 -0.20 4.78
CA TRP A 247 20.75 0.34 4.04
C TRP A 247 20.95 0.25 2.53
N ARG A 248 22.18 0.48 2.05
CA ARG A 248 22.42 0.41 0.61
C ARG A 248 22.23 -1.00 0.09
N HIS A 249 22.84 -1.98 0.76
CA HIS A 249 22.69 -3.36 0.33
C HIS A 249 21.24 -3.83 0.48
N LEU A 250 20.56 -3.40 1.54
CA LEU A 250 19.15 -3.77 1.71
C LEU A 250 18.30 -3.23 0.57
N GLN A 251 18.51 -1.96 0.20
CA GLN A 251 17.76 -1.38 -0.91
C GLN A 251 18.06 -2.10 -2.21
N LEU A 252 19.33 -2.40 -2.47
CA LEU A 252 19.67 -3.11 -3.70
C LEU A 252 19.06 -4.51 -3.72
N LEU A 253 19.11 -5.22 -2.61
CA LEU A 253 18.56 -6.56 -2.55
C LEU A 253 17.06 -6.55 -2.76
N VAL A 254 16.37 -5.56 -2.17
CA VAL A 254 14.92 -5.49 -2.35
C VAL A 254 14.54 -5.09 -3.78
N SER A 255 15.28 -4.19 -4.42
CA SER A 255 14.89 -3.70 -5.73
C SER A 255 15.51 -4.46 -6.90
N ALA A 256 16.41 -5.41 -6.65
CA ALA A 256 17.04 -6.12 -7.76
C ALA A 256 16.14 -7.19 -8.40
N PRO A 257 15.34 -7.94 -7.64
CA PRO A 257 14.45 -8.92 -8.29
C PRO A 257 13.56 -8.33 -9.37
N PHE A 258 13.27 -7.04 -9.32
CA PHE A 258 12.49 -6.44 -10.39
C PHE A 258 13.20 -6.46 -11.73
N PHE A 259 14.53 -6.53 -11.77
CA PHE A 259 15.23 -6.76 -13.02
C PHE A 259 14.90 -8.11 -13.63
N ALA A 260 14.93 -9.18 -12.84
CA ALA A 260 14.50 -10.47 -13.34
C ALA A 260 13.03 -10.47 -13.71
N PHE A 261 12.21 -9.72 -12.96
CA PHE A 261 10.81 -9.59 -13.32
C PHE A 261 10.65 -8.95 -14.69
N PHE A 262 11.40 -7.89 -14.98
CA PHE A 262 11.34 -7.29 -16.31
C PHE A 262 11.88 -8.23 -17.37
N ILE A 263 12.82 -9.09 -16.98
CA ILE A 263 13.40 -10.04 -17.92
C ILE A 263 12.43 -11.13 -18.32
N TYR A 264 11.63 -11.59 -17.37
CA TYR A 264 10.69 -12.67 -17.66
C TYR A 264 9.31 -12.17 -18.03
N SER A 265 9.07 -10.87 -17.87
CA SER A 265 7.73 -10.38 -18.14
C SER A 265 7.52 -9.97 -19.59
N TRP A 266 8.52 -10.12 -20.46
CA TRP A 266 8.29 -9.91 -21.88
C TRP A 266 7.37 -10.98 -22.47
N PHE A 267 7.14 -12.06 -21.74
CA PHE A 267 6.38 -13.20 -22.24
C PHE A 267 4.90 -13.15 -21.85
N PHE A 268 4.44 -12.08 -21.21
CA PHE A 268 3.04 -12.00 -20.79
C PHE A 268 2.12 -11.94 -22.00
N ILE A 269 0.84 -12.17 -21.76
CA ILE A 269 -0.20 -12.10 -22.77
C ILE A 269 -1.11 -10.93 -22.46
N GLU A 270 -1.31 -10.06 -23.43
CA GLU A 270 -2.13 -8.87 -23.24
C GLU A 270 -3.56 -9.25 -22.90
N SER A 271 -4.18 -8.44 -22.04
CA SER A 271 -5.56 -8.67 -21.65
C SER A 271 -6.47 -8.50 -22.87
N ALA A 272 -7.22 -9.56 -23.19
CA ALA A 272 -8.07 -9.52 -24.38
C ALA A 272 -9.21 -8.53 -24.23
N ARG A 273 -9.67 -8.28 -23.00
CA ARG A 273 -10.73 -7.31 -22.80
C ARG A 273 -10.29 -5.91 -23.22
N TRP A 274 -9.05 -5.54 -22.89
CA TRP A 274 -8.54 -4.24 -23.34
C TRP A 274 -8.43 -4.18 -24.85
N HIS A 275 -7.99 -5.27 -25.47
CA HIS A 275 -7.90 -5.31 -26.93
C HIS A 275 -9.27 -5.11 -27.56
N SER A 276 -10.30 -5.76 -27.01
CA SER A 276 -11.65 -5.55 -27.50
C SER A 276 -12.11 -4.12 -27.30
N SER A 277 -11.83 -3.55 -26.13
CA SER A 277 -12.27 -2.18 -25.84
C SER A 277 -11.61 -1.18 -26.78
N SER A 278 -10.33 -1.36 -27.06
CA SER A 278 -9.65 -0.45 -27.98
C SER A 278 -10.14 -0.61 -29.41
N GLY A 279 -10.76 -1.74 -29.72
CA GLY A 279 -11.32 -1.99 -31.05
C GLY A 279 -10.54 -2.96 -31.90
N ARG A 280 -9.38 -3.44 -31.44
CA ARG A 280 -8.58 -4.40 -32.19
C ARG A 280 -9.00 -5.81 -31.77
N LEU A 281 -10.08 -6.30 -32.38
CA LEU A 281 -10.54 -7.64 -32.08
C LEU A 281 -9.64 -8.72 -32.69
N ASP A 282 -8.80 -8.35 -33.66
CA ASP A 282 -7.86 -9.31 -34.22
C ASP A 282 -6.88 -9.79 -33.17
N LEU A 283 -6.34 -8.87 -32.37
CA LEU A 283 -5.45 -9.24 -31.27
C LEU A 283 -6.20 -9.97 -30.16
N THR A 284 -7.48 -9.66 -29.96
CA THR A 284 -8.29 -10.43 -29.03
C THR A 284 -8.38 -11.89 -29.47
N LEU A 285 -8.64 -12.12 -30.76
CA LEU A 285 -8.68 -13.47 -31.28
C LEU A 285 -7.32 -14.14 -31.16
N ARG A 286 -6.25 -13.39 -31.44
CA ARG A 286 -4.90 -13.95 -31.29
C ARG A 286 -4.64 -14.40 -29.87
N ALA A 287 -4.97 -13.56 -28.88
CA ALA A 287 -4.74 -13.90 -27.49
C ALA A 287 -5.59 -15.08 -27.07
N LEU A 288 -6.85 -15.13 -27.53
CA LEU A 288 -7.72 -16.23 -27.18
C LEU A 288 -7.22 -17.55 -27.76
N GLN A 289 -6.73 -17.52 -29.01
CA GLN A 289 -6.16 -18.72 -29.59
C GLN A 289 -4.89 -19.13 -28.85
N ARG A 290 -4.09 -18.16 -28.41
CA ARG A 290 -2.86 -18.48 -27.69
C ARG A 290 -3.17 -19.15 -26.35
N VAL A 291 -4.13 -18.60 -25.60
CA VAL A 291 -4.49 -19.23 -24.33
C VAL A 291 -5.15 -20.59 -24.56
N ALA A 292 -5.83 -20.72 -25.70
CA ALA A 292 -6.47 -21.99 -26.01
C ALA A 292 -5.46 -23.13 -25.98
N ARG A 293 -4.52 -23.12 -26.90
CA ARG A 293 -3.55 -24.20 -26.97
C ARG A 293 -2.83 -24.35 -25.65
N ILE A 294 -2.41 -23.23 -25.08
CA ILE A 294 -1.74 -23.28 -23.80
C ILE A 294 -2.54 -24.17 -22.87
N ASN A 295 -3.84 -23.93 -22.80
CA ASN A 295 -4.68 -24.70 -21.90
C ASN A 295 -5.01 -26.08 -22.46
N GLY A 296 -4.53 -26.40 -23.67
CA GLY A 296 -4.79 -27.72 -24.17
C GLY A 296 -6.11 -27.89 -24.89
N LYS A 297 -7.02 -26.94 -24.73
CA LYS A 297 -8.31 -27.01 -25.39
C LYS A 297 -8.27 -26.27 -26.72
N ARG A 298 -7.39 -26.72 -27.61
CA ARG A 298 -7.23 -26.03 -28.90
C ARG A 298 -8.47 -26.09 -29.77
N GLU A 299 -8.99 -27.29 -30.01
CA GLU A 299 -10.13 -27.44 -30.90
C GLU A 299 -11.17 -26.37 -30.64
N GLU A 300 -11.29 -25.96 -29.39
CA GLU A 300 -12.31 -24.99 -29.02
C GLU A 300 -11.90 -23.66 -29.57
N GLY A 301 -10.68 -23.23 -29.22
CA GLY A 301 -10.18 -21.97 -29.70
C GLY A 301 -10.23 -21.93 -31.21
N ALA A 302 -9.65 -22.93 -31.86
CA ALA A 302 -9.63 -22.95 -33.32
C ALA A 302 -11.03 -22.67 -33.89
N LYS A 303 -12.06 -23.22 -33.26
CA LYS A 303 -13.43 -22.93 -33.68
C LYS A 303 -13.77 -21.46 -33.49
N LEU A 304 -13.25 -20.86 -32.42
CA LEU A 304 -13.51 -19.44 -32.16
C LEU A 304 -12.86 -18.57 -33.23
N SER A 305 -13.69 -17.94 -34.06
CA SER A 305 -13.20 -17.10 -35.13
C SER A 305 -13.70 -15.67 -34.98
N MET A 306 -13.42 -14.82 -35.97
CA MET A 306 -13.86 -13.43 -35.91
C MET A 306 -15.37 -13.28 -35.87
N GLU A 307 -16.11 -14.07 -36.64
CA GLU A 307 -17.57 -13.98 -36.62
C GLU A 307 -18.14 -14.33 -35.26
N VAL A 308 -17.66 -15.42 -34.65
CA VAL A 308 -18.14 -15.81 -33.33
C VAL A 308 -17.69 -14.80 -32.28
N LEU A 309 -16.46 -14.30 -32.41
CA LEU A 309 -15.95 -13.32 -31.45
C LEU A 309 -16.78 -12.05 -31.47
N ARG A 310 -17.12 -11.55 -32.66
CA ARG A 310 -17.95 -10.36 -32.75
C ARG A 310 -19.36 -10.63 -32.21
N ALA A 311 -19.90 -11.81 -32.52
CA ALA A 311 -21.26 -12.14 -32.07
C ALA A 311 -21.34 -12.20 -30.55
N SER A 312 -20.36 -12.83 -29.91
CA SER A 312 -20.35 -12.96 -28.46
C SER A 312 -19.73 -11.75 -27.76
N LEU A 313 -19.19 -10.79 -28.50
CA LEU A 313 -18.54 -9.63 -27.91
C LEU A 313 -19.19 -8.32 -28.32
N GLN A 314 -20.35 -8.36 -28.96
CA GLN A 314 -20.98 -7.11 -29.43
C GLN A 314 -21.61 -6.33 -28.28
N LYS A 315 -22.23 -7.02 -27.33
CA LYS A 315 -23.02 -6.33 -26.30
C LYS A 315 -22.15 -5.42 -25.43
N GLU A 316 -20.99 -5.90 -25.00
CA GLU A 316 -20.10 -5.06 -24.19
C GLU A 316 -19.60 -3.87 -24.99
N LEU A 317 -19.35 -4.07 -26.28
CA LEU A 317 -18.93 -2.96 -27.14
C LEU A 317 -20.10 -2.04 -27.45
N GLN A 323 -18.45 3.62 -18.07
CA GLN A 323 -18.20 4.32 -16.82
C GLN A 323 -18.32 5.83 -17.02
N ALA A 324 -18.98 6.50 -16.06
CA ALA A 324 -19.18 7.93 -16.14
C ALA A 324 -17.95 8.68 -15.64
N SER A 325 -17.97 9.99 -15.84
CA SER A 325 -16.87 10.84 -15.42
C SER A 325 -16.85 11.02 -13.91
N ALA A 326 -15.65 11.25 -13.37
CA ALA A 326 -15.50 11.49 -11.95
C ALA A 326 -16.20 12.77 -11.50
N MET A 327 -16.45 13.69 -12.43
CA MET A 327 -17.20 14.90 -12.11
C MET A 327 -18.61 14.56 -11.64
N GLU A 328 -19.19 13.46 -12.16
CA GLU A 328 -20.52 13.06 -11.73
C GLU A 328 -20.57 12.75 -10.24
N LEU A 329 -19.44 12.32 -9.68
CA LEU A 329 -19.39 12.03 -8.25
C LEU A 329 -19.64 13.29 -7.43
N LEU A 330 -19.05 14.41 -7.86
CA LEU A 330 -19.28 15.68 -7.16
C LEU A 330 -20.65 16.26 -7.51
N ARG A 331 -21.09 16.08 -8.75
CA ARG A 331 -22.30 16.77 -9.21
C ARG A 331 -23.55 16.21 -8.57
N CYS A 332 -23.70 14.89 -8.58
CA CYS A 332 -24.93 14.31 -8.06
C CYS A 332 -24.92 14.31 -6.54
N PRO A 333 -25.89 14.98 -5.90
CA PRO A 333 -25.89 15.04 -4.43
C PRO A 333 -25.99 13.67 -3.79
N THR A 334 -26.78 12.76 -4.36
CA THR A 334 -26.84 11.40 -3.82
C THR A 334 -25.50 10.71 -3.94
N LEU A 335 -24.81 10.89 -5.07
CA LEU A 335 -23.45 10.44 -5.23
C LEU A 335 -22.45 11.27 -4.45
N ARG A 336 -22.69 12.57 -4.28
CA ARG A 336 -21.76 13.42 -3.55
C ARG A 336 -21.66 13.02 -2.08
N HIS A 337 -22.80 12.73 -1.46
CA HIS A 337 -22.78 12.29 -0.06
C HIS A 337 -21.98 11.00 0.10
N LEU A 338 -22.22 10.03 -0.79
CA LEU A 338 -21.49 8.77 -0.74
C LEU A 338 -20.01 8.98 -0.98
N PHE A 339 -19.65 9.84 -1.94
CA PHE A 339 -18.25 10.10 -2.22
C PHE A 339 -17.56 10.72 -1.02
N LEU A 340 -18.21 11.68 -0.37
CA LEU A 340 -17.62 12.30 0.81
C LEU A 340 -17.42 11.29 1.92
N CYS A 341 -18.44 10.47 2.20
CA CYS A 341 -18.33 9.49 3.27
C CYS A 341 -17.24 8.48 2.98
N LEU A 342 -17.20 7.95 1.76
CA LEU A 342 -16.21 6.94 1.43
C LEU A 342 -14.81 7.52 1.36
N SER A 343 -14.67 8.78 0.91
CA SER A 343 -13.37 9.43 0.93
C SER A 343 -12.88 9.60 2.35
N MET A 344 -13.75 10.02 3.27
CA MET A 344 -13.35 10.12 4.66
C MET A 344 -12.92 8.77 5.21
N LEU A 345 -13.67 7.71 4.91
CA LEU A 345 -13.30 6.39 5.42
C LEU A 345 -11.95 5.94 4.88
N TRP A 346 -11.75 6.01 3.57
CA TRP A 346 -10.47 5.61 2.98
C TRP A 346 -9.32 6.44 3.54
N PHE A 347 -9.50 7.77 3.58
CA PHE A 347 -8.45 8.65 4.06
C PHE A 347 -8.07 8.32 5.50
N ALA A 348 -9.06 8.21 6.38
CA ALA A 348 -8.77 7.94 7.77
C ALA A 348 -8.11 6.58 7.96
N THR A 349 -8.62 5.57 7.26
CA THR A 349 -8.07 4.22 7.43
C THR A 349 -6.62 4.17 6.98
N SER A 350 -6.33 4.67 5.79
CA SER A 350 -4.95 4.67 5.31
C SER A 350 -4.06 5.54 6.18
N PHE A 351 -4.59 6.68 6.64
CA PHE A 351 -3.81 7.60 7.46
C PHE A 351 -3.37 6.94 8.75
N ALA A 352 -4.32 6.34 9.48
CA ALA A 352 -3.97 5.65 10.71
C ALA A 352 -3.07 4.44 10.46
N TYR A 353 -3.34 3.71 9.37
CA TYR A 353 -2.54 2.52 9.07
C TYR A 353 -1.08 2.88 8.85
N TYR A 354 -0.84 3.89 8.01
CA TYR A 354 0.55 4.26 7.73
C TYR A 354 1.17 5.04 8.89
N GLY A 355 0.33 5.59 9.77
CA GLY A 355 0.86 6.13 11.01
C GLY A 355 1.43 5.05 11.91
N LEU A 356 0.71 3.92 12.03
CA LEU A 356 1.14 2.87 12.94
C LEU A 356 2.23 1.98 12.35
N VAL A 357 2.17 1.71 11.05
CA VAL A 357 3.12 0.77 10.49
C VAL A 357 4.55 1.27 10.63
N MET A 358 4.76 2.59 10.52
CA MET A 358 6.11 3.14 10.46
C MET A 358 6.59 3.76 11.77
N ASP A 359 5.99 3.41 12.91
CA ASP A 359 6.52 3.73 14.24
C ASP A 359 6.83 2.41 14.94
N LEU A 360 8.06 1.91 14.79
CA LEU A 360 8.41 0.59 15.27
C LEU A 360 9.41 0.61 16.42
N GLN A 361 10.22 1.67 16.54
CA GLN A 361 11.27 1.68 17.55
C GLN A 361 10.74 1.95 18.95
N GLY A 362 9.64 2.69 19.07
CA GLY A 362 9.22 3.18 20.37
C GLY A 362 8.59 2.12 21.25
N PHE A 363 8.23 0.97 20.68
CA PHE A 363 7.54 -0.05 21.47
C PHE A 363 8.47 -0.72 22.47
N GLY A 364 9.77 -0.53 22.34
CA GLY A 364 10.73 -1.09 23.28
C GLY A 364 11.20 -2.49 22.97
N VAL A 365 10.70 -3.12 21.93
CA VAL A 365 11.14 -4.44 21.51
C VAL A 365 11.91 -4.31 20.20
N SER A 366 12.65 -5.37 19.87
CA SER A 366 13.42 -5.38 18.63
C SER A 366 12.50 -5.21 17.43
N ILE A 367 12.87 -4.30 16.53
CA ILE A 367 11.98 -3.94 15.42
C ILE A 367 11.76 -5.07 14.44
N TYR A 368 12.70 -6.01 14.32
CA TYR A 368 12.43 -7.20 13.53
C TYR A 368 11.33 -8.05 14.13
N LEU A 369 11.35 -8.23 15.46
CA LEU A 369 10.28 -8.96 16.13
C LEU A 369 8.95 -8.25 15.97
N ILE A 370 8.93 -6.91 16.10
CA ILE A 370 7.68 -6.18 15.97
C ILE A 370 7.18 -6.24 14.52
N GLN A 371 8.10 -6.28 13.56
CA GLN A 371 7.70 -6.43 12.16
C GLN A 371 7.09 -7.80 11.92
N VAL A 372 7.69 -8.85 12.47
CA VAL A 372 7.11 -10.19 12.36
C VAL A 372 5.73 -10.23 12.98
N ILE A 373 5.58 -9.63 14.17
CA ILE A 373 4.29 -9.64 14.85
C ILE A 373 3.25 -8.89 14.02
N PHE A 374 3.62 -7.72 13.49
CA PHE A 374 2.71 -6.94 12.67
C PHE A 374 2.28 -7.70 11.43
N GLY A 375 3.22 -8.40 10.79
CA GLY A 375 2.85 -9.26 9.67
C GLY A 375 1.92 -10.38 10.08
N ALA A 376 2.09 -10.92 11.28
CA ALA A 376 1.26 -12.01 11.77
C ALA A 376 -0.12 -11.56 12.23
N VAL A 377 -0.32 -10.26 12.50
CA VAL A 377 -1.65 -9.81 12.90
C VAL A 377 -2.66 -9.95 11.79
N ASP A 378 -2.26 -9.72 10.53
CA ASP A 378 -3.21 -9.63 9.44
C ASP A 378 -3.96 -10.94 9.19
N LEU A 379 -3.30 -12.08 9.34
CA LEU A 379 -3.92 -13.37 9.00
C LEU A 379 -5.16 -13.63 9.86
N PRO A 380 -5.12 -13.49 11.19
CA PRO A 380 -6.36 -13.63 11.95
C PRO A 380 -7.26 -12.41 11.88
N ALA A 381 -6.68 -11.21 11.67
CA ALA A 381 -7.50 -10.00 11.59
C ALA A 381 -8.45 -10.06 10.40
N LYS A 382 -7.94 -10.51 9.25
CA LYS A 382 -8.80 -10.65 8.07
C LYS A 382 -9.89 -11.67 8.29
N LEU A 383 -9.58 -12.79 8.96
CA LEU A 383 -10.60 -13.80 9.25
C LEU A 383 -11.68 -13.23 10.17
N VAL A 384 -11.26 -12.49 11.20
CA VAL A 384 -12.23 -11.89 12.12
C VAL A 384 -13.11 -10.89 11.39
N GLY A 385 -12.50 -10.04 10.55
CA GLY A 385 -13.29 -9.10 9.78
C GLY A 385 -14.25 -9.78 8.83
N PHE A 386 -13.81 -10.87 8.20
CA PHE A 386 -14.66 -11.62 7.27
C PHE A 386 -15.87 -12.18 8.02
N LEU A 387 -15.63 -12.81 9.17
CA LEU A 387 -16.70 -13.38 9.96
C LEU A 387 -17.68 -12.31 10.42
N VAL A 388 -17.16 -11.17 10.91
CA VAL A 388 -18.03 -10.10 11.36
C VAL A 388 -18.85 -9.54 10.20
N ILE A 389 -18.21 -9.36 9.04
CA ILE A 389 -18.89 -8.81 7.87
C ILE A 389 -20.06 -9.69 7.47
N ASN A 390 -19.85 -11.00 7.44
CA ASN A 390 -20.94 -11.89 7.07
C ASN A 390 -22.01 -11.95 8.15
N SER A 391 -21.61 -12.08 9.41
CA SER A 391 -22.58 -12.35 10.47
C SER A 391 -23.34 -11.09 10.86
N LEU A 392 -22.63 -10.09 11.40
CA LEU A 392 -23.30 -8.92 11.97
C LEU A 392 -23.75 -7.93 10.90
N GLY A 393 -22.95 -7.72 9.86
CA GLY A 393 -23.29 -6.78 8.82
C GLY A 393 -22.05 -6.15 8.24
N ARG A 394 -22.24 -5.25 7.29
CA ARG A 394 -21.11 -4.56 6.69
C ARG A 394 -20.84 -3.26 7.45
N ARG A 395 -21.89 -2.48 7.71
CA ARG A 395 -21.68 -1.19 8.37
C ARG A 395 -21.22 -1.37 9.82
N PRO A 396 -21.83 -2.27 10.60
CA PRO A 396 -21.31 -2.50 11.96
C PRO A 396 -19.87 -2.97 11.97
N ALA A 397 -19.44 -3.76 10.98
CA ALA A 397 -18.06 -4.20 10.93
C ALA A 397 -17.11 -3.02 10.78
N GLN A 398 -17.41 -2.11 9.85
CA GLN A 398 -16.58 -0.93 9.67
C GLN A 398 -16.59 -0.06 10.93
N MET A 399 -17.76 0.15 11.52
CA MET A 399 -17.84 0.95 12.75
C MET A 399 -16.97 0.35 13.84
N ALA A 400 -17.14 -0.94 14.12
CA ALA A 400 -16.39 -1.57 15.20
C ALA A 400 -14.89 -1.54 14.92
N ALA A 401 -14.49 -1.87 13.70
CA ALA A 401 -13.05 -1.90 13.39
C ALA A 401 -12.43 -0.52 13.54
N LEU A 402 -13.05 0.51 12.96
CA LEU A 402 -12.49 1.86 13.07
C LEU A 402 -12.48 2.38 14.50
N LEU A 403 -13.58 2.18 15.24
CA LEU A 403 -13.64 2.67 16.61
C LEU A 403 -12.62 1.95 17.50
N LEU A 404 -12.48 0.64 17.31
CA LEU A 404 -11.50 -0.11 18.08
C LEU A 404 -10.08 0.35 17.76
N ALA A 405 -9.80 0.58 16.47
CA ALA A 405 -8.48 1.10 16.10
C ALA A 405 -8.22 2.44 16.78
N GLY A 406 -9.20 3.34 16.74
CA GLY A 406 -9.01 4.65 17.35
C GLY A 406 -8.79 4.58 18.85
N ILE A 407 -9.58 3.75 19.55
CA ILE A 407 -9.44 3.64 21.00
C ILE A 407 -8.09 3.02 21.35
N CYS A 408 -7.69 1.97 20.63
CA CYS A 408 -6.37 1.39 20.85
C CYS A 408 -5.28 2.43 20.63
N ILE A 409 -5.44 3.27 19.62
CA ILE A 409 -4.42 4.27 19.30
C ILE A 409 -4.32 5.29 20.43
N LEU A 410 -5.47 5.82 20.87
CA LEU A 410 -5.47 6.78 21.96
C LEU A 410 -4.87 6.20 23.23
N LEU A 411 -5.25 4.98 23.59
CA LEU A 411 -4.70 4.36 24.78
C LEU A 411 -3.21 4.07 24.67
N ASN A 412 -2.72 3.75 23.46
CA ASN A 412 -1.27 3.66 23.27
C ASN A 412 -0.62 5.01 23.49
N GLY A 413 -1.24 6.09 23.01
CA GLY A 413 -0.70 7.40 23.23
C GLY A 413 -0.67 7.80 24.69
N VAL A 414 -1.66 7.35 25.46
CA VAL A 414 -1.77 7.76 26.86
C VAL A 414 -0.90 6.90 27.77
N ILE A 415 -0.89 5.59 27.54
CA ILE A 415 -0.13 4.69 28.43
C ILE A 415 1.35 5.03 28.36
N PRO A 416 2.06 5.13 29.49
CA PRO A 416 3.47 5.50 29.45
C PRO A 416 4.33 4.44 28.78
N GLN A 417 5.48 4.88 28.28
CA GLN A 417 6.39 4.01 27.56
C GLN A 417 6.91 2.87 28.42
N ASP A 418 6.96 3.05 29.75
CA ASP A 418 7.50 2.02 30.63
C ASP A 418 6.75 0.70 30.46
N GLN A 419 5.43 0.76 30.35
CA GLN A 419 4.64 -0.42 30.04
C GLN A 419 4.86 -0.79 28.58
N SER A 420 5.70 -1.80 28.33
CA SER A 420 6.02 -2.18 26.97
C SER A 420 5.04 -3.18 26.39
N ILE A 421 4.65 -4.19 27.16
CA ILE A 421 3.75 -5.22 26.65
C ILE A 421 2.38 -4.63 26.34
N VAL A 422 1.92 -3.68 27.17
CA VAL A 422 0.61 -3.07 26.94
C VAL A 422 0.63 -2.26 25.66
N ARG A 423 1.64 -1.41 25.48
CA ARG A 423 1.73 -0.60 24.27
C ARG A 423 1.86 -1.47 23.03
N THR A 424 2.69 -2.51 23.09
CA THR A 424 2.86 -3.40 21.95
C THR A 424 1.57 -4.10 21.60
N SER A 425 0.88 -4.66 22.60
CA SER A 425 -0.37 -5.39 22.33
C SER A 425 -1.43 -4.45 21.76
N LEU A 426 -1.54 -3.24 22.31
CA LEU A 426 -2.56 -2.33 21.82
C LEU A 426 -2.26 -1.83 20.41
N ALA A 427 -0.99 -1.55 20.09
CA ALA A 427 -0.64 -1.17 18.73
C ALA A 427 -0.88 -2.32 17.76
N VAL A 428 -0.60 -3.55 18.19
CA VAL A 428 -0.85 -4.72 17.35
C VAL A 428 -2.34 -4.86 17.06
N LEU A 429 -3.17 -4.71 18.10
CA LEU A 429 -4.62 -4.79 17.91
C LEU A 429 -5.10 -3.68 16.99
N GLY A 430 -4.54 -2.48 17.13
CA GLY A 430 -4.90 -1.40 16.23
C GLY A 430 -4.54 -1.69 14.79
N LYS A 431 -3.35 -2.25 14.56
CA LYS A 431 -2.94 -2.58 13.20
C LYS A 431 -3.85 -3.66 12.60
N GLY A 432 -4.20 -4.67 13.39
CA GLY A 432 -5.13 -5.67 12.91
C GLY A 432 -6.50 -5.11 12.57
N CYS A 433 -7.00 -4.23 13.44
CA CYS A 433 -8.28 -3.58 13.17
C CYS A 433 -8.21 -2.73 11.92
N LEU A 434 -7.07 -2.08 11.68
CA LEU A 434 -6.96 -1.25 10.48
C LEU A 434 -6.84 -2.09 9.21
N ALA A 435 -6.20 -3.26 9.28
CA ALA A 435 -6.22 -4.16 8.13
C ALA A 435 -7.63 -4.66 7.84
N ALA A 436 -8.36 -5.03 8.89
CA ALA A 436 -9.75 -5.41 8.71
C ALA A 436 -10.55 -4.25 8.13
N SER A 437 -10.18 -3.03 8.47
CA SER A 437 -10.87 -1.88 7.89
C SER A 437 -10.54 -1.73 6.42
N PHE A 438 -9.30 -1.95 6.04
CA PHE A 438 -8.91 -1.79 4.65
C PHE A 438 -9.74 -2.71 3.77
N ASN A 439 -9.95 -3.94 4.21
CA ASN A 439 -10.79 -4.86 3.46
C ASN A 439 -12.24 -4.42 3.56
N CYS A 440 -12.75 -4.24 4.77
CA CYS A 440 -14.15 -3.89 4.90
C CYS A 440 -14.51 -2.69 4.03
N ILE A 441 -13.66 -1.67 4.00
CA ILE A 441 -13.95 -0.50 3.19
C ILE A 441 -13.81 -0.82 1.71
N PHE A 442 -12.88 -1.71 1.34
CA PHE A 442 -12.82 -2.15 -0.05
C PHE A 442 -14.14 -2.78 -0.47
N LEU A 443 -14.63 -3.75 0.30
CA LEU A 443 -15.88 -4.41 -0.08
C LEU A 443 -17.06 -3.44 -0.01
N TYR A 444 -17.08 -2.57 1.01
CA TYR A 444 -18.16 -1.62 1.17
C TYR A 444 -18.25 -0.67 -0.01
N THR A 445 -17.12 -0.14 -0.45
CA THR A 445 -17.11 0.76 -1.60
C THR A 445 -17.26 0.03 -2.92
N GLY A 446 -17.03 -1.28 -2.94
CA GLY A 446 -17.35 -2.05 -4.13
C GLY A 446 -18.83 -2.29 -4.27
N GLU A 447 -19.56 -2.37 -3.17
CA GLU A 447 -20.98 -2.68 -3.26
C GLU A 447 -21.85 -1.43 -3.12
N LEU A 448 -21.25 -0.32 -2.69
CA LEU A 448 -22.07 0.87 -2.47
C LEU A 448 -22.33 1.64 -3.75
N TYR A 449 -21.31 1.84 -4.58
CA TYR A 449 -21.45 2.68 -5.75
C TYR A 449 -22.33 2.01 -6.81
N PRO A 450 -23.05 2.80 -7.61
CA PRO A 450 -23.77 2.24 -8.74
C PRO A 450 -22.82 1.69 -9.79
N THR A 451 -23.33 0.74 -10.58
CA THR A 451 -22.49 0.04 -11.55
C THR A 451 -21.89 1.01 -12.57
N MET A 452 -22.60 2.09 -12.88
CA MET A 452 -22.09 3.05 -13.85
C MET A 452 -20.81 3.71 -13.35
N ILE A 453 -20.78 4.08 -12.07
CA ILE A 453 -19.67 4.82 -11.49
C ILE A 453 -18.86 3.94 -10.53
N ARG A 454 -19.12 2.63 -10.54
CA ARG A 454 -18.50 1.74 -9.55
C ARG A 454 -16.98 1.71 -9.67
N GLN A 455 -16.44 1.59 -10.88
CA GLN A 455 -14.99 1.51 -11.02
C GLN A 455 -14.32 2.85 -10.71
N THR A 456 -14.88 3.95 -11.20
CA THR A 456 -14.33 5.26 -10.87
C THR A 456 -14.36 5.51 -9.38
N GLY A 457 -15.47 5.13 -8.73
CA GLY A 457 -15.52 5.19 -7.28
C GLY A 457 -14.49 4.30 -6.63
N MET A 458 -14.13 3.19 -7.28
CA MET A 458 -13.03 2.37 -6.81
C MET A 458 -11.71 3.14 -6.87
N GLY A 459 -11.53 3.94 -7.93
CA GLY A 459 -10.29 4.68 -8.06
C GLY A 459 -10.17 5.81 -7.05
N MET A 460 -11.08 6.79 -7.10
CA MET A 460 -10.95 7.97 -6.26
C MET A 460 -10.85 7.59 -4.78
N GLY A 461 -11.73 6.69 -4.32
CA GLY A 461 -11.62 6.23 -2.95
C GLY A 461 -10.23 5.71 -2.64
N SER A 462 -9.72 4.80 -3.48
CA SER A 462 -8.34 4.33 -3.31
C SER A 462 -7.38 5.49 -3.38
N THR A 463 -7.59 6.42 -4.31
CA THR A 463 -6.74 7.60 -4.40
C THR A 463 -6.72 8.34 -3.08
N MET A 464 -7.89 8.51 -2.45
CA MET A 464 -7.93 9.17 -1.16
C MET A 464 -7.02 8.45 -0.16
N ALA A 465 -7.04 7.13 -0.16
CA ALA A 465 -6.14 6.38 0.71
C ALA A 465 -4.70 6.81 0.49
N ARG A 466 -4.27 6.87 -0.77
CA ARG A 466 -2.90 7.33 -1.05
C ARG A 466 -2.68 8.74 -0.54
N VAL A 467 -3.68 9.63 -0.72
CA VAL A 467 -3.55 10.98 -0.18
C VAL A 467 -3.35 10.91 1.32
N GLY A 468 -4.07 10.03 2.00
CA GLY A 468 -3.85 9.86 3.43
C GLY A 468 -2.41 9.49 3.73
N SER A 469 -1.83 8.58 2.95
CA SER A 469 -0.47 8.15 3.21
C SER A 469 0.53 9.24 2.86
N ILE A 470 0.09 10.28 2.16
CA ILE A 470 0.96 11.43 1.94
C ILE A 470 0.90 12.36 3.14
N VAL A 471 -0.24 12.40 3.82
CA VAL A 471 -0.35 13.28 4.98
C VAL A 471 0.16 12.59 6.25
N SER A 472 0.16 11.26 6.28
CA SER A 472 0.54 10.55 7.50
C SER A 472 1.96 10.84 7.96
N PRO A 473 3.00 10.73 7.12
CA PRO A 473 4.34 11.12 7.61
C PRO A 473 4.44 12.58 8.01
N LEU A 474 3.82 13.44 7.22
CA LEU A 474 3.95 14.86 7.47
C LEU A 474 3.42 15.23 8.86
N VAL A 475 2.22 14.75 9.19
CA VAL A 475 1.69 15.03 10.51
C VAL A 475 2.65 14.48 11.54
N SER A 476 3.34 13.40 11.21
CA SER A 476 4.29 12.81 12.14
C SER A 476 5.36 13.82 12.48
N MET A 477 5.71 14.66 11.52
CA MET A 477 6.76 15.66 11.74
C MET A 477 6.41 16.55 12.91
N THR A 478 5.12 16.67 13.23
CA THR A 478 4.71 17.57 14.29
C THR A 478 5.15 17.09 15.66
N ALA A 479 5.78 15.92 15.72
CA ALA A 479 6.17 15.36 17.00
C ALA A 479 7.01 16.33 17.81
N GLU A 480 7.98 16.95 17.17
CA GLU A 480 8.87 17.89 17.86
C GLU A 480 8.08 18.80 18.79
N LEU A 481 6.82 19.04 18.45
CA LEU A 481 5.96 19.88 19.28
C LEU A 481 5.53 19.15 20.54
N TYR A 482 5.03 17.92 20.37
CA TYR A 482 4.62 17.12 21.52
C TYR A 482 4.81 15.63 21.23
N PRO A 483 5.50 14.90 22.12
CA PRO A 483 5.81 13.50 21.85
C PRO A 483 4.59 12.66 21.49
N SER A 484 3.42 12.95 22.08
CA SER A 484 2.25 12.11 21.90
C SER A 484 1.21 12.71 20.94
N MET A 485 1.45 13.90 20.41
CA MET A 485 0.49 14.51 19.49
C MET A 485 0.27 13.69 18.22
N PRO A 486 1.30 13.16 17.55
CA PRO A 486 1.03 12.34 16.35
C PRO A 486 0.10 11.17 16.63
N LEU A 487 0.30 10.47 17.75
CA LEU A 487 -0.61 9.38 18.09
C LEU A 487 -2.02 9.90 18.37
N PHE A 488 -2.11 11.05 19.04
CA PHE A 488 -3.42 11.60 19.37
C PHE A 488 -4.22 11.93 18.11
N ILE A 489 -3.59 12.54 17.11
CA ILE A 489 -4.31 12.79 15.86
C ILE A 489 -4.55 11.49 15.10
N TYR A 490 -3.56 10.58 15.11
CA TYR A 490 -3.69 9.28 14.46
C TYR A 490 -4.84 8.46 15.00
N GLY A 491 -5.31 8.77 16.21
CA GLY A 491 -6.49 8.11 16.73
C GLY A 491 -7.75 8.96 16.68
N ALA A 492 -7.59 10.29 16.71
CA ALA A 492 -8.75 11.17 16.60
C ALA A 492 -9.40 11.05 15.22
N VAL A 493 -8.58 10.90 14.18
CA VAL A 493 -9.13 10.76 12.82
C VAL A 493 -9.97 9.49 12.67
N PRO A 494 -9.51 8.30 13.06
CA PRO A 494 -10.37 7.11 12.92
C PRO A 494 -11.67 7.17 13.70
N VAL A 495 -11.69 7.82 14.87
CA VAL A 495 -12.94 7.96 15.61
C VAL A 495 -13.92 8.81 14.82
N ALA A 496 -13.43 9.89 14.21
CA ALA A 496 -14.29 10.71 13.36
C ALA A 496 -14.80 9.92 12.16
N ALA A 497 -13.94 9.06 11.58
CA ALA A 497 -14.41 8.23 10.47
C ALA A 497 -15.48 7.24 10.93
N SER A 498 -15.30 6.65 12.12
CA SER A 498 -16.31 5.74 12.65
C SER A 498 -17.64 6.46 12.86
N ALA A 499 -17.59 7.68 13.37
CA ALA A 499 -18.80 8.47 13.50
C ALA A 499 -19.43 8.77 12.14
N VAL A 500 -18.60 9.07 11.13
CA VAL A 500 -19.10 9.34 9.78
C VAL A 500 -19.77 8.10 9.19
N THR A 501 -19.27 6.92 9.55
CA THR A 501 -19.79 5.67 8.99
C THR A 501 -21.29 5.50 9.22
N VAL A 502 -21.85 6.16 10.24
CA VAL A 502 -23.27 6.07 10.52
C VAL A 502 -24.11 6.43 9.30
N LEU A 503 -23.69 7.47 8.58
CA LEU A 503 -24.50 7.97 7.47
C LEU A 503 -24.61 6.96 6.34
N LEU A 504 -23.63 6.05 6.22
CA LEU A 504 -23.66 5.08 5.14
C LEU A 504 -24.79 4.07 5.35
N PRO A 505 -25.37 3.57 4.26
CA PRO A 505 -26.47 2.59 4.39
C PRO A 505 -25.97 1.16 4.46
N GLU A 506 -26.70 0.34 5.20
CA GLU A 506 -26.37 -1.08 5.32
C GLU A 506 -26.55 -1.76 3.96
N THR A 507 -25.61 -2.63 3.61
CA THR A 507 -25.62 -3.29 2.31
C THR A 507 -25.76 -4.80 2.40
N LEU A 508 -25.86 -5.36 3.61
CA LEU A 508 -25.92 -6.81 3.75
C LEU A 508 -27.27 -7.33 3.28
N GLY A 509 -27.25 -8.33 2.40
CA GLY A 509 -28.46 -8.90 1.87
C GLY A 509 -29.13 -8.10 0.79
N GLN A 510 -28.51 -7.02 0.31
CA GLN A 510 -29.08 -6.16 -0.71
C GLN A 510 -28.32 -6.32 -2.02
N PRO A 511 -29.02 -6.42 -3.16
CA PRO A 511 -28.25 -6.50 -4.40
C PRO A 511 -27.46 -5.24 -4.68
N LEU A 512 -26.42 -5.34 -5.50
CA LEU A 512 -25.65 -4.16 -5.86
C LEU A 512 -26.55 -3.23 -6.67
N PRO A 513 -26.36 -1.91 -6.51
CA PRO A 513 -27.24 -0.98 -7.20
C PRO A 513 -26.81 -0.80 -8.65
N ASP A 514 -27.73 -0.37 -9.51
CA ASP A 514 -27.40 -0.14 -10.91
C ASP A 514 -27.62 1.30 -11.36
N THR A 515 -28.36 2.10 -10.60
CA THR A 515 -28.67 3.47 -10.98
C THR A 515 -28.80 4.34 -9.74
N VAL A 516 -28.85 5.65 -9.97
CA VAL A 516 -29.00 6.62 -8.89
C VAL A 516 -30.34 6.45 -8.21
N GLN A 517 -31.37 6.04 -8.97
CA GLN A 517 -32.69 5.85 -8.40
C GLN A 517 -32.70 4.75 -7.35
N ASP A 518 -31.93 3.68 -7.58
CA ASP A 518 -31.79 2.64 -6.58
C ASP A 518 -31.18 3.17 -5.30
N LEU A 519 -30.16 4.04 -5.43
CA LEU A 519 -29.57 4.67 -4.26
C LEU A 519 -30.58 5.53 -3.51
N GLU A 520 -31.38 6.30 -4.25
CA GLU A 520 -32.37 7.16 -3.62
C GLU A 520 -33.46 6.33 -2.93
N SER A 521 -33.78 5.16 -3.49
CA SER A 521 -34.76 4.29 -2.86
C SER A 521 -34.28 3.78 -1.51
N ARG A 522 -32.98 3.56 -1.36
CA ARG A 522 -32.42 3.14 -0.08
C ARG A 522 -32.55 4.24 0.97
#